data_4XUF
#
_entry.id   4XUF
#
_cell.length_a   48.726
_cell.length_b   75.492
_cell.length_c   153.968
_cell.angle_alpha   90.000
_cell.angle_beta   90.000
_cell.angle_gamma   90.000
#
_symmetry.space_group_name_H-M   'P 21 21 21'
#
loop_
_entity.id
_entity.type
_entity.pdbx_description
1 polymer 'Receptor-type tyrosine-protein kinase FLT3'
2 non-polymer 1-(5-tert-butyl-1,2-oxazol-3-yl)-3-(4-{7-[2-(morpholin-4-yl)ethoxy]imidazo[2,1-b][1,3]benzothiazol-2-yl}phenyl)urea
3 water water
#
_entity_poly.entity_id   1
_entity_poly.type   'polypeptide(L)'
_entity_poly.pdbx_seq_one_letter_code
;DLKWEFPRENLEFGKVLGSGAFGKVMNATAYGISKTGVSIQVAVKMLKEKADSSEREALMSELKMMTQLGSHENIVNLLG
ACTLSGPIYLIFEYCCYGDLLNYLRSKREKFSEDEIEYENQKRLEEEEDLNVLTFEDLLCFAYQVAKGMEFLEFKSCVHR
DLAARNVLVTHGKVVKICDFGLARDIMSDSNYVVRGNARLPVKWMAPESLFEGIYTIKSDVWSYGILLWEIFSLGVNPYP
GIPVDANFYKLIQNGFKMDQPFYATEEIYIIMQSCWAFDSRKRPSFPNLTSFLGCQL
;
_entity_poly.pdbx_strand_id   A,B
#
# COMPACT_ATOMS: atom_id res chain seq x y z
N ASP A 1 20.59 33.03 25.30
CA ASP A 1 21.00 34.14 24.44
C ASP A 1 21.91 35.09 25.20
N LEU A 2 23.21 34.76 25.24
CA LEU A 2 24.17 35.53 26.00
C LEU A 2 24.98 36.51 25.13
N LYS A 3 25.71 35.97 24.15
CA LYS A 3 26.62 36.79 23.34
C LYS A 3 26.14 37.06 21.92
N TRP A 4 24.91 36.66 21.61
CA TRP A 4 24.41 36.75 20.23
C TRP A 4 23.88 38.13 19.86
N GLU A 5 23.84 39.04 20.81
CA GLU A 5 23.33 40.39 20.56
C GLU A 5 24.16 41.14 19.52
N PHE A 6 23.49 41.61 18.47
CA PHE A 6 24.14 42.33 17.38
C PHE A 6 23.54 43.73 17.25
N PRO A 7 24.37 44.74 16.99
CA PRO A 7 23.88 46.11 16.85
C PRO A 7 22.81 46.25 15.76
N ARG A 8 21.70 46.90 16.09
CA ARG A 8 20.64 47.15 15.13
C ARG A 8 21.02 48.23 14.11
N GLU A 9 21.92 49.12 14.52
CA GLU A 9 22.40 50.18 13.63
C GLU A 9 23.33 49.68 12.53
N ASN A 10 23.89 48.50 12.73
CA ASN A 10 24.80 47.89 11.75
C ASN A 10 24.03 46.99 10.79
N LEU A 11 22.70 47.07 10.87
CA LEU A 11 21.82 46.28 10.03
C LEU A 11 21.12 47.13 8.96
N GLU A 12 21.25 46.73 7.71
CA GLU A 12 20.68 47.47 6.59
C GLU A 12 19.69 46.62 5.80
N PHE A 13 18.41 46.90 6.01
CA PHE A 13 17.33 46.12 5.39
C PHE A 13 17.30 46.21 3.87
N GLY A 14 16.62 45.23 3.25
CA GLY A 14 16.42 45.21 1.82
C GLY A 14 14.99 44.87 1.47
N LYS A 15 14.81 43.95 0.52
CA LYS A 15 13.48 43.54 0.10
C LYS A 15 12.95 42.42 1.00
N VAL A 16 11.63 42.29 1.08
CA VAL A 16 11.01 41.23 1.88
C VAL A 16 11.06 39.91 1.11
N LEU A 17 11.44 38.84 1.80
CA LEU A 17 11.62 37.54 1.17
C LEU A 17 10.48 36.56 1.51
N GLY A 18 9.36 37.10 1.97
CA GLY A 18 8.23 36.27 2.34
C GLY A 18 7.60 36.72 3.64
N SER A 19 6.29 37.00 3.61
CA SER A 19 5.60 37.53 4.76
C SER A 19 4.41 36.68 5.17
N GLY A 20 4.27 36.48 6.48
CA GLY A 20 3.13 35.76 7.02
C GLY A 20 2.05 36.76 7.38
N ALA A 21 1.11 36.33 8.22
CA ALA A 21 0.02 37.21 8.66
C ALA A 21 0.52 38.22 9.68
N PHE A 22 1.48 37.82 10.52
CA PHE A 22 1.92 38.67 11.61
C PHE A 22 3.44 38.87 11.65
N GLY A 23 4.14 38.22 10.73
CA GLY A 23 5.60 38.33 10.67
C GLY A 23 6.14 38.27 9.26
N LYS A 24 7.39 38.71 9.10
CA LYS A 24 8.03 38.73 7.79
C LYS A 24 9.50 38.30 7.88
N VAL A 25 10.05 37.87 6.74
CA VAL A 25 11.48 37.58 6.64
C VAL A 25 12.08 38.43 5.52
N MET A 26 13.11 39.20 5.84
CA MET A 26 13.68 40.14 4.88
C MET A 26 15.17 39.90 4.63
N ASN A 27 15.65 40.41 3.50
CA ASN A 27 17.07 40.38 3.18
C ASN A 27 17.74 41.58 3.85
N ALA A 28 18.99 41.40 4.25
CA ALA A 28 19.70 42.47 4.95
C ALA A 28 21.20 42.43 4.74
N THR A 29 21.83 43.58 4.95
CA THR A 29 23.28 43.71 4.84
C THR A 29 23.87 43.98 6.21
N ALA A 30 24.59 43.00 6.75
CA ALA A 30 25.10 43.08 8.12
C ALA A 30 26.57 43.49 8.18
N TYR A 31 26.84 44.59 8.88
CA TYR A 31 28.18 45.12 9.03
C TYR A 31 28.83 44.70 10.34
N GLY A 32 29.99 44.06 10.25
CA GLY A 32 30.72 43.68 11.46
C GLY A 32 30.29 42.36 12.05
N ILE A 33 29.91 41.40 11.20
CA ILE A 33 29.32 40.14 11.68
C ILE A 33 30.22 38.91 11.70
N SER A 34 30.83 38.56 10.57
CA SER A 34 31.71 37.39 10.54
C SER A 34 33.10 37.83 10.16
N LYS A 35 33.99 37.98 11.14
CA LYS A 35 35.34 38.39 10.83
C LYS A 35 35.33 39.89 10.59
N THR A 36 34.15 40.47 10.77
CA THR A 36 33.90 41.88 10.47
C THR A 36 34.27 42.01 9.00
N GLY A 37 33.85 41.02 8.21
CA GLY A 37 34.18 40.98 6.80
C GLY A 37 33.39 42.00 6.02
N VAL A 38 33.65 42.19 4.73
CA VAL A 38 32.82 43.16 4.01
C VAL A 38 31.40 42.68 4.26
N SER A 39 30.51 43.63 4.50
CA SER A 39 29.15 43.34 4.91
C SER A 39 28.50 42.28 4.02
N ILE A 40 28.04 41.22 4.66
CA ILE A 40 27.49 40.06 3.98
C ILE A 40 25.97 40.05 4.01
N GLN A 41 25.38 39.15 3.24
CA GLN A 41 23.93 39.00 3.17
C GLN A 41 23.43 38.08 4.28
N VAL A 42 22.37 38.51 4.95
CA VAL A 42 21.79 37.74 6.04
C VAL A 42 20.28 37.70 5.94
N ALA A 43 19.68 36.76 6.65
CA ALA A 43 18.23 36.64 6.70
C ALA A 43 17.70 37.08 8.05
N VAL A 44 16.82 38.07 8.05
CA VAL A 44 16.30 38.63 9.30
C VAL A 44 14.84 38.25 9.52
N LYS A 45 14.59 37.59 10.64
CA LYS A 45 13.25 37.16 11.01
C LYS A 45 12.60 38.18 11.94
N MET A 46 11.45 38.71 11.54
CA MET A 46 10.79 39.75 12.33
C MET A 46 9.28 39.65 12.28
N LEU A 47 8.62 40.52 13.05
CA LEU A 47 7.17 40.55 13.13
C LEU A 47 6.61 41.84 12.54
N LYS A 48 5.50 41.74 11.80
CA LYS A 48 4.84 42.93 11.27
C LYS A 48 3.96 43.53 12.37
N GLU A 49 3.64 44.81 12.21
CA GLU A 49 2.94 45.56 13.25
C GLU A 49 1.54 45.01 13.51
N SER A 53 0.85 41.06 19.56
CA SER A 53 1.68 41.31 20.73
C SER A 53 1.95 40.02 21.50
N SER A 54 0.90 39.22 21.67
CA SER A 54 1.00 37.90 22.29
C SER A 54 1.89 37.00 21.44
N GLU A 55 1.89 37.28 20.14
CA GLU A 55 2.65 36.53 19.15
C GLU A 55 4.16 36.78 19.26
N ARG A 56 4.54 37.90 19.87
CA ARG A 56 5.95 38.24 20.07
C ARG A 56 6.70 37.14 20.83
N GLU A 57 6.07 36.62 21.88
CA GLU A 57 6.69 35.60 22.73
C GLU A 57 7.00 34.32 21.95
N ALA A 58 6.19 34.04 20.94
CA ALA A 58 6.39 32.87 20.08
C ALA A 58 7.72 32.94 19.35
N LEU A 59 8.06 34.14 18.87
CA LEU A 59 9.32 34.36 18.17
C LEU A 59 10.50 34.31 19.13
N MET A 60 10.28 34.73 20.36
CA MET A 60 11.33 34.82 21.36
C MET A 60 11.86 33.44 21.74
N SER A 61 10.94 32.49 21.93
CA SER A 61 11.29 31.12 22.24
C SER A 61 12.03 30.46 21.06
N GLU A 62 11.71 30.91 19.85
CA GLU A 62 12.36 30.41 18.65
C GLU A 62 13.84 30.81 18.62
N LEU A 63 14.13 31.96 19.21
CA LEU A 63 15.49 32.48 19.28
C LEU A 63 16.24 31.73 20.37
N LYS A 64 15.55 31.47 21.47
CA LYS A 64 16.10 30.74 22.61
C LYS A 64 16.49 29.32 22.22
N MET A 65 15.77 28.78 21.23
CA MET A 65 16.02 27.44 20.72
C MET A 65 17.30 27.37 19.89
N MET A 66 17.51 28.37 19.06
CA MET A 66 18.67 28.42 18.16
C MET A 66 20.02 28.45 18.89
N THR A 67 20.10 29.26 19.94
CA THR A 67 21.37 29.48 20.62
C THR A 67 21.86 28.23 21.34
N GLN A 68 20.93 27.38 21.76
CA GLN A 68 21.30 26.17 22.48
C GLN A 68 21.43 24.96 21.55
N LEU A 69 20.74 25.01 20.42
CA LEU A 69 20.75 23.91 19.46
C LEU A 69 22.12 23.76 18.79
N GLY A 70 22.87 24.86 18.73
CA GLY A 70 24.18 24.85 18.12
C GLY A 70 24.12 24.97 16.61
N SER A 71 25.27 25.18 16.00
CA SER A 71 25.35 25.36 14.54
C SER A 71 25.59 24.04 13.81
N HIS A 72 24.76 23.77 12.81
CA HIS A 72 24.95 22.58 11.98
C HIS A 72 24.88 22.96 10.50
N GLU A 73 25.67 22.27 9.68
CA GLU A 73 25.78 22.57 8.25
C GLU A 73 24.45 22.51 7.50
N ASN A 74 23.56 21.62 7.96
CA ASN A 74 22.30 21.40 7.26
C ASN A 74 21.11 22.02 7.99
N ILE A 75 21.40 23.02 8.81
CA ILE A 75 20.38 23.75 9.56
C ILE A 75 20.68 25.25 9.44
N VAL A 76 19.67 26.06 9.14
CA VAL A 76 19.88 27.49 9.00
C VAL A 76 20.53 28.06 10.26
N ASN A 77 21.76 28.54 10.10
CA ASN A 77 22.54 28.98 11.26
C ASN A 77 22.12 30.33 11.78
N LEU A 78 22.14 30.49 13.10
CA LEU A 78 21.90 31.77 13.73
C LEU A 78 23.20 32.55 13.79
N LEU A 79 23.18 33.77 13.27
CA LEU A 79 24.39 34.60 13.22
C LEU A 79 24.36 35.67 14.31
N GLY A 80 23.16 36.01 14.77
CA GLY A 80 22.99 37.02 15.80
C GLY A 80 21.54 37.36 16.02
N ALA A 81 21.29 38.35 16.88
CA ALA A 81 19.93 38.77 17.19
C ALA A 81 19.88 40.17 17.77
N CYS A 82 18.72 40.81 17.65
CA CYS A 82 18.48 42.14 18.20
C CYS A 82 17.25 42.13 19.10
N THR A 83 17.48 42.16 20.41
CA THR A 83 16.36 42.06 21.35
C THR A 83 16.20 43.32 22.19
N LEU A 84 17.09 44.29 21.96
CA LEU A 84 17.07 45.55 22.72
C LEU A 84 16.75 46.75 21.85
N SER A 85 15.95 47.65 22.41
CA SER A 85 15.61 48.92 21.77
C SER A 85 14.95 48.74 20.40
N GLY A 86 13.77 48.12 20.39
CA GLY A 86 13.01 47.98 19.16
C GLY A 86 12.45 46.59 18.95
N PRO A 87 11.88 46.36 17.76
CA PRO A 87 11.31 45.05 17.39
C PRO A 87 12.36 43.95 17.39
N ILE A 88 11.96 42.74 17.80
CA ILE A 88 12.89 41.63 17.89
C ILE A 88 13.36 41.19 16.50
N TYR A 89 14.68 41.16 16.30
CA TYR A 89 15.25 40.72 15.04
C TYR A 89 16.01 39.41 15.21
N LEU A 90 15.87 38.51 14.24
CA LEU A 90 16.61 37.25 14.26
C LEU A 90 17.47 37.14 13.01
N ILE A 91 18.78 37.31 13.16
CA ILE A 91 19.69 37.29 12.03
C ILE A 91 20.13 35.88 11.71
N PHE A 92 19.87 35.44 10.48
CA PHE A 92 20.22 34.09 10.05
C PHE A 92 21.16 34.12 8.85
N GLU A 93 21.63 32.94 8.47
CA GLU A 93 22.46 32.81 7.28
C GLU A 93 21.60 32.91 6.03
N TYR A 94 21.99 33.77 5.10
CA TYR A 94 21.20 34.00 3.90
C TYR A 94 21.29 32.85 2.91
N CYS A 95 20.14 32.43 2.40
CA CYS A 95 20.08 31.40 1.37
C CYS A 95 19.65 32.06 0.06
N CYS A 96 20.43 31.84 -0.99
CA CYS A 96 20.22 32.56 -2.24
C CYS A 96 19.08 32.02 -3.10
N TYR A 97 18.90 30.71 -3.13
CA TYR A 97 17.92 30.10 -4.03
C TYR A 97 16.57 29.83 -3.37
N GLY A 98 16.41 30.28 -2.14
CA GLY A 98 15.14 30.16 -1.45
C GLY A 98 14.76 28.75 -1.08
N ASP A 99 13.46 28.52 -0.90
CA ASP A 99 12.96 27.21 -0.50
C ASP A 99 13.15 26.17 -1.60
N LEU A 100 13.18 24.90 -1.21
CA LEU A 100 13.39 23.81 -2.13
C LEU A 100 12.15 23.53 -2.98
N LEU A 101 10.98 23.81 -2.41
CA LEU A 101 9.71 23.58 -3.10
C LEU A 101 9.61 24.41 -4.38
N ASN A 102 9.69 25.73 -4.24
CA ASN A 102 9.62 26.64 -5.37
C ASN A 102 10.81 26.48 -6.30
N TYR A 103 11.92 26.01 -5.74
CA TYR A 103 13.13 25.78 -6.52
C TYR A 103 13.00 24.62 -7.50
N LEU A 104 12.24 23.60 -7.12
CA LEU A 104 12.10 22.42 -7.98
C LEU A 104 11.07 22.60 -9.09
N ARG A 105 9.96 23.28 -8.77
CA ARG A 105 8.95 23.54 -9.78
C ARG A 105 9.48 24.56 -10.78
N SER A 106 10.49 25.32 -10.35
CA SER A 106 11.19 26.25 -11.23
C SER A 106 12.04 25.45 -12.22
N LYS A 107 12.47 24.27 -11.79
CA LYS A 107 13.25 23.37 -12.64
C LYS A 107 12.32 22.62 -13.60
N ARG A 108 11.02 22.64 -13.29
CA ARG A 108 10.03 22.01 -14.14
C ARG A 108 9.68 22.89 -15.33
N LEU A 133 21.72 20.15 -13.03
CA LEU A 133 21.01 19.36 -12.04
C LEU A 133 20.96 17.89 -12.43
N THR A 134 21.57 17.04 -11.62
CA THR A 134 21.59 15.60 -11.89
C THR A 134 20.85 14.82 -10.82
N PHE A 135 20.74 13.51 -11.01
CA PHE A 135 20.07 12.64 -10.05
C PHE A 135 20.80 12.61 -8.71
N GLU A 136 22.12 12.76 -8.78
CA GLU A 136 22.96 12.79 -7.59
C GLU A 136 22.58 13.96 -6.68
N ASP A 137 22.21 15.07 -7.29
CA ASP A 137 21.84 16.27 -6.54
C ASP A 137 20.54 16.05 -5.75
N LEU A 138 19.64 15.25 -6.30
CA LEU A 138 18.42 14.88 -5.59
C LEU A 138 18.75 14.02 -4.38
N LEU A 139 19.66 13.06 -4.57
CA LEU A 139 20.15 12.24 -3.47
C LEU A 139 20.93 13.08 -2.47
N CYS A 140 21.73 14.01 -2.98
CA CYS A 140 22.54 14.88 -2.14
C CYS A 140 21.67 15.75 -1.23
N PHE A 141 20.54 16.23 -1.77
CA PHE A 141 19.60 17.02 -0.99
C PHE A 141 19.01 16.20 0.15
N ALA A 142 18.47 15.04 -0.22
CA ALA A 142 17.83 14.15 0.75
C ALA A 142 18.80 13.68 1.82
N TYR A 143 20.04 13.43 1.43
CA TYR A 143 21.07 12.98 2.37
C TYR A 143 21.33 14.05 3.42
N GLN A 144 21.47 15.30 2.96
CA GLN A 144 21.78 16.41 3.85
C GLN A 144 20.59 16.74 4.76
N VAL A 145 19.39 16.58 4.24
CA VAL A 145 18.18 16.78 5.04
C VAL A 145 18.09 15.73 6.14
N ALA A 146 18.32 14.47 5.77
CA ALA A 146 18.31 13.38 6.75
C ALA A 146 19.45 13.51 7.74
N LYS A 147 20.58 14.02 7.28
CA LYS A 147 21.74 14.22 8.14
C LYS A 147 21.47 15.35 9.12
N GLY A 148 20.76 16.37 8.63
CA GLY A 148 20.41 17.51 9.47
C GLY A 148 19.35 17.16 10.48
N MET A 149 18.41 16.30 10.09
CA MET A 149 17.36 15.84 10.97
C MET A 149 17.92 14.97 12.09
N GLU A 150 19.00 14.25 11.77
CA GLU A 150 19.70 13.43 12.74
C GLU A 150 20.24 14.30 13.87
N PHE A 151 20.71 15.48 13.52
CA PHE A 151 21.22 16.44 14.50
C PHE A 151 20.12 16.93 15.43
N LEU A 152 18.89 16.96 14.92
CA LEU A 152 17.75 17.39 15.71
C LEU A 152 17.26 16.28 16.64
N GLU A 153 17.30 15.04 16.13
CA GLU A 153 16.93 13.88 16.93
C GLU A 153 17.94 13.66 18.06
N PHE A 154 19.21 13.94 17.76
CA PHE A 154 20.28 13.83 18.75
C PHE A 154 20.07 14.83 19.88
N LYS A 155 19.51 15.99 19.53
CA LYS A 155 19.20 17.02 20.51
C LYS A 155 17.80 16.83 21.07
N SER A 156 17.17 15.73 20.68
CA SER A 156 15.80 15.40 21.10
C SER A 156 14.82 16.50 20.72
N CYS A 157 14.85 16.90 19.45
CA CYS A 157 13.96 17.95 18.95
C CYS A 157 13.05 17.43 17.84
N VAL A 158 11.79 17.83 17.88
CA VAL A 158 10.80 17.37 16.91
C VAL A 158 10.33 18.50 16.01
N HIS A 159 10.56 18.34 14.71
CA HIS A 159 10.13 19.33 13.73
C HIS A 159 8.66 19.13 13.39
N ARG A 160 7.83 20.13 13.73
CA ARG A 160 6.39 20.02 13.56
C ARG A 160 5.94 20.11 12.10
N ASP A 161 6.78 20.66 11.25
CA ASP A 161 6.41 20.87 9.85
C ASP A 161 7.56 20.55 8.89
N LEU A 162 7.95 19.29 8.82
CA LEU A 162 9.02 18.89 7.91
C LEU A 162 8.48 18.69 6.50
N ALA A 163 8.95 19.54 5.58
CA ALA A 163 8.51 19.50 4.19
C ALA A 163 9.52 20.17 3.27
N ALA A 164 9.18 20.24 1.98
CA ALA A 164 10.05 20.86 0.99
C ALA A 164 9.97 22.39 1.04
N ARG A 165 8.88 22.89 1.61
CA ARG A 165 8.70 24.33 1.72
C ARG A 165 9.46 24.89 2.92
N ASN A 166 9.99 23.98 3.74
CA ASN A 166 10.72 24.38 4.94
C ASN A 166 12.20 24.02 4.88
N VAL A 167 12.75 23.95 3.67
CA VAL A 167 14.18 23.73 3.49
C VAL A 167 14.75 24.67 2.43
N LEU A 168 15.87 25.31 2.77
CA LEU A 168 16.46 26.34 1.91
C LEU A 168 17.76 25.88 1.26
N VAL A 169 18.06 26.44 0.08
CA VAL A 169 19.26 26.10 -0.66
C VAL A 169 20.17 27.32 -0.79
N THR A 170 21.49 27.11 -0.62
CA THR A 170 22.45 28.20 -0.72
C THR A 170 23.35 28.08 -1.94
N HIS A 171 24.45 28.83 -1.93
CA HIS A 171 25.33 28.96 -3.09
C HIS A 171 25.90 27.63 -3.55
N GLY A 172 26.06 26.70 -2.61
CA GLY A 172 26.62 25.40 -2.93
C GLY A 172 25.52 24.38 -3.19
N LYS A 173 25.89 23.11 -3.14
CA LYS A 173 24.93 22.02 -3.33
C LYS A 173 24.31 21.64 -1.99
N VAL A 174 24.48 22.49 -0.98
CA VAL A 174 23.98 22.21 0.35
C VAL A 174 22.60 22.79 0.62
N VAL A 175 21.81 22.06 1.39
CA VAL A 175 20.46 22.48 1.75
C VAL A 175 20.36 22.67 3.26
N LYS A 176 19.51 23.58 3.70
CA LYS A 176 19.35 23.88 5.12
C LYS A 176 17.90 23.77 5.58
N ILE A 177 17.71 23.12 6.73
CA ILE A 177 16.39 22.96 7.31
C ILE A 177 15.96 24.19 8.09
N CYS A 178 14.73 24.64 7.88
CA CYS A 178 14.19 25.81 8.55
C CYS A 178 12.72 25.65 8.89
N ASP A 179 12.12 26.70 9.43
CA ASP A 179 10.70 26.67 9.81
C ASP A 179 10.09 28.04 9.60
N PHE A 180 9.22 28.16 8.60
CA PHE A 180 8.52 29.42 8.39
C PHE A 180 7.35 29.58 9.35
N GLY A 181 7.67 29.69 10.62
CA GLY A 181 6.68 29.97 11.65
C GLY A 181 6.65 31.48 11.69
N LEU A 182 5.45 32.05 11.52
CA LEU A 182 5.24 33.50 11.52
C LEU A 182 5.79 34.12 10.24
N ALA A 183 6.41 33.30 9.41
CA ALA A 183 7.01 33.78 8.17
C ALA A 183 6.12 33.42 6.99
N ARG A 184 5.24 32.45 7.22
CA ARG A 184 4.35 31.94 6.19
C ARG A 184 2.91 32.21 6.57
N ASP A 185 2.12 32.69 5.61
CA ASP A 185 0.70 32.87 5.84
C ASP A 185 0.01 31.52 5.66
N ILE A 186 -0.08 30.75 6.75
CA ILE A 186 -0.61 29.40 6.69
C ILE A 186 -2.08 29.39 6.29
N MET A 187 -2.74 30.53 6.44
CA MET A 187 -4.14 30.66 6.06
C MET A 187 -4.29 30.63 4.55
N SER A 188 -3.28 31.14 3.85
CA SER A 188 -3.32 31.26 2.39
C SER A 188 -2.91 29.97 1.67
N ASP A 189 -1.90 29.28 2.20
CA ASP A 189 -1.40 28.06 1.57
C ASP A 189 -2.45 26.94 1.65
N SER A 190 -2.67 26.28 0.52
CA SER A 190 -3.65 25.21 0.42
C SER A 190 -3.23 23.96 1.18
N ASN A 191 -1.92 23.82 1.40
CA ASN A 191 -1.36 22.66 2.09
C ASN A 191 -1.85 22.55 3.54
N TYR A 192 -2.16 23.69 4.14
CA TYR A 192 -2.62 23.74 5.52
C TYR A 192 -4.14 23.70 5.61
N VAL A 193 -4.66 22.57 6.06
CA VAL A 193 -6.10 22.37 6.21
C VAL A 193 -6.54 22.54 7.67
N VAL A 194 -7.78 22.99 7.86
CA VAL A 194 -8.35 23.19 9.18
C VAL A 194 -8.91 21.91 9.79
N ARG A 195 -8.20 21.34 10.74
CA ARG A 195 -8.66 20.15 11.43
C ARG A 195 -8.40 20.26 12.95
N GLY A 196 -9.09 21.21 13.55
CA GLY A 196 -9.01 21.51 14.97
C GLY A 196 -9.10 23.01 15.02
N ASN A 197 -8.36 23.64 15.91
CA ASN A 197 -8.37 25.08 15.97
C ASN A 197 -7.16 25.73 15.39
N ALA A 198 -6.66 25.15 14.32
CA ALA A 198 -5.47 25.66 13.64
C ALA A 198 -5.15 24.78 12.43
N ARG A 199 -4.53 25.37 11.41
CA ARG A 199 -4.20 24.61 10.21
C ARG A 199 -2.91 23.80 10.39
N LEU A 200 -2.86 22.65 9.72
CA LEU A 200 -1.74 21.73 9.82
C LEU A 200 -1.52 21.01 8.49
N PRO A 201 -0.27 20.66 8.19
CA PRO A 201 0.01 19.96 6.92
C PRO A 201 -0.43 18.50 7.00
N VAL A 202 -1.64 18.23 6.51
CA VAL A 202 -2.24 16.91 6.66
C VAL A 202 -1.48 15.84 5.87
N LYS A 203 -1.05 16.19 4.66
CA LYS A 203 -0.45 15.21 3.75
C LYS A 203 1.00 14.93 4.13
N TRP A 204 1.47 15.60 5.18
CA TRP A 204 2.84 15.43 5.66
C TRP A 204 2.89 14.77 7.04
N MET A 205 1.74 14.51 7.64
CA MET A 205 1.70 14.01 9.01
C MET A 205 1.60 12.49 9.10
N ALA A 206 2.10 11.95 10.21
CA ALA A 206 2.01 10.52 10.50
C ALA A 206 0.62 10.18 11.04
N PRO A 207 0.16 8.93 10.82
CA PRO A 207 -1.15 8.46 11.27
C PRO A 207 -1.41 8.69 12.76
N GLU A 208 -0.40 8.44 13.59
CA GLU A 208 -0.55 8.63 15.03
C GLU A 208 -0.73 10.10 15.39
N SER A 209 -0.23 10.98 14.52
CA SER A 209 -0.39 12.42 14.70
C SER A 209 -1.76 12.85 14.18
N LEU A 210 -2.27 12.11 13.21
CA LEU A 210 -3.54 12.42 12.57
C LEU A 210 -4.76 12.19 13.46
N PHE A 211 -4.78 11.07 14.17
CA PHE A 211 -5.97 10.72 14.95
C PHE A 211 -5.72 10.63 16.46
N GLU A 212 -4.47 10.40 16.82
CA GLU A 212 -4.10 10.31 18.23
C GLU A 212 -3.28 11.52 18.66
N GLY A 213 -2.83 12.30 17.69
CA GLY A 213 -2.07 13.50 17.95
C GLY A 213 -0.74 13.21 18.61
N ILE A 214 -0.13 12.09 18.25
CA ILE A 214 1.15 11.68 18.81
C ILE A 214 2.30 12.14 17.92
N TYR A 215 3.19 12.96 18.49
CA TYR A 215 4.34 13.47 17.77
C TYR A 215 5.65 12.97 18.33
N THR A 216 6.27 12.03 17.63
CA THR A 216 7.59 11.53 17.99
C THR A 216 8.56 11.84 16.86
N ILE A 217 9.82 11.47 17.04
CA ILE A 217 10.81 11.69 15.99
C ILE A 217 10.54 10.73 14.82
N LYS A 218 9.90 9.61 15.13
CA LYS A 218 9.55 8.64 14.11
C LYS A 218 8.31 9.09 13.33
N SER A 219 7.64 10.12 13.83
CA SER A 219 6.53 10.73 13.11
C SER A 219 7.06 11.65 12.03
N ASP A 220 8.22 12.26 12.29
CA ASP A 220 8.88 13.12 11.30
C ASP A 220 9.52 12.27 10.22
N VAL A 221 9.77 11.00 10.53
CA VAL A 221 10.25 10.04 9.55
C VAL A 221 9.21 9.88 8.45
N TRP A 222 7.94 9.82 8.88
CA TRP A 222 6.81 9.82 7.94
C TRP A 222 6.84 11.09 7.09
N SER A 223 7.02 12.23 7.76
CA SER A 223 7.09 13.52 7.07
C SER A 223 8.26 13.56 6.10
N TYR A 224 9.34 12.88 6.46
CA TYR A 224 10.52 12.79 5.60
C TYR A 224 10.20 12.00 4.34
N GLY A 225 9.40 10.94 4.49
CA GLY A 225 8.99 10.13 3.36
C GLY A 225 8.16 10.92 2.37
N ILE A 226 7.26 11.75 2.90
CA ILE A 226 6.46 12.63 2.07
C ILE A 226 7.37 13.69 1.43
N LEU A 227 8.30 14.20 2.22
CA LEU A 227 9.30 15.14 1.74
C LEU A 227 10.17 14.49 0.67
N LEU A 228 10.51 13.23 0.88
CA LEU A 228 11.32 12.47 -0.06
C LEU A 228 10.62 12.35 -1.41
N TRP A 229 9.29 12.28 -1.38
CA TRP A 229 8.51 12.14 -2.60
C TRP A 229 8.56 13.40 -3.46
N GLU A 230 8.26 14.55 -2.86
CA GLU A 230 8.23 15.82 -3.58
C GLU A 230 9.62 16.23 -4.08
N ILE A 231 10.65 15.61 -3.54
CA ILE A 231 12.02 15.84 -4.01
C ILE A 231 12.20 15.11 -5.34
N PHE A 232 11.78 13.85 -5.39
CA PHE A 232 11.95 13.03 -6.59
C PHE A 232 10.72 13.12 -7.47
N SER A 233 9.69 13.91 -7.11
CA SER A 233 8.51 14.17 -7.93
C SER A 233 8.53 15.62 -8.41
N LEU A 234 9.64 16.29 -8.11
CA LEU A 234 9.87 17.67 -8.53
C LEU A 234 8.83 18.69 -8.06
N GLY A 235 8.52 18.69 -6.76
CA GLY A 235 7.59 19.65 -6.25
C GLY A 235 6.11 19.52 -6.50
N VAL A 236 5.72 18.31 -6.86
CA VAL A 236 4.33 17.95 -7.02
C VAL A 236 3.73 17.91 -5.64
N ASN A 237 2.51 18.37 -5.49
CA ASN A 237 1.79 18.17 -4.25
C ASN A 237 1.56 16.70 -4.02
N PRO A 238 1.70 16.24 -2.78
CA PRO A 238 1.55 14.82 -2.49
C PRO A 238 0.10 14.38 -2.61
N TYR A 239 -0.12 13.12 -2.97
CA TYR A 239 -1.45 12.60 -3.23
C TYR A 239 -2.16 13.44 -4.30
N PRO A 240 -1.53 13.61 -5.48
CA PRO A 240 -2.09 14.45 -6.55
C PRO A 240 -3.50 14.06 -6.97
N GLY A 241 -4.33 15.06 -7.28
CA GLY A 241 -5.69 14.83 -7.71
C GLY A 241 -6.66 14.53 -6.58
N ILE A 242 -6.16 13.90 -5.51
CA ILE A 242 -6.98 13.60 -4.35
C ILE A 242 -6.82 14.64 -3.24
N PRO A 243 -7.93 15.32 -2.90
CA PRO A 243 -7.97 16.38 -1.89
C PRO A 243 -8.09 15.81 -0.48
N VAL A 244 -8.01 16.68 0.52
CA VAL A 244 -8.17 16.28 1.91
C VAL A 244 -9.64 16.31 2.32
N ASP A 245 -10.21 15.14 2.56
CA ASP A 245 -11.61 15.03 2.96
C ASP A 245 -11.82 13.82 3.86
N ALA A 246 -13.08 13.49 4.11
CA ALA A 246 -13.44 12.37 4.98
C ALA A 246 -12.86 11.05 4.46
N ASN A 247 -12.82 10.92 3.14
CA ASN A 247 -12.28 9.71 2.52
C ASN A 247 -10.77 9.63 2.70
N PHE A 248 -10.09 10.76 2.57
CA PHE A 248 -8.63 10.81 2.61
C PHE A 248 -8.06 10.20 3.89
N TYR A 249 -8.64 10.57 5.02
CA TYR A 249 -8.18 10.07 6.32
C TYR A 249 -8.31 8.55 6.42
N LYS A 250 -9.33 8.01 5.76
CA LYS A 250 -9.57 6.57 5.77
C LYS A 250 -8.50 5.77 5.01
N LEU A 251 -7.94 6.33 3.95
CA LEU A 251 -6.89 5.62 3.21
C LEU A 251 -5.62 5.44 4.04
N ILE A 252 -5.18 6.50 4.70
CA ILE A 252 -3.98 6.43 5.53
C ILE A 252 -4.19 5.42 6.66
N GLN A 253 -5.41 5.38 7.19
CA GLN A 253 -5.75 4.43 8.23
C GLN A 253 -5.72 2.99 7.68
N ASN A 254 -5.97 2.86 6.38
CA ASN A 254 -5.95 1.55 5.73
C ASN A 254 -4.55 1.16 5.28
N GLY A 255 -3.56 1.96 5.64
CA GLY A 255 -2.17 1.67 5.29
C GLY A 255 -1.82 2.04 3.85
N PHE A 256 -2.65 2.88 3.24
CA PHE A 256 -2.41 3.33 1.88
C PHE A 256 -1.15 4.18 1.77
N LYS A 257 -0.37 3.93 0.74
CA LYS A 257 0.85 4.69 0.49
C LYS A 257 0.88 5.19 -0.95
N MET A 258 1.80 6.10 -1.23
CA MET A 258 1.89 6.72 -2.56
C MET A 258 2.67 5.85 -3.53
N ASP A 259 2.35 5.98 -4.81
CA ASP A 259 3.08 5.26 -5.84
C ASP A 259 4.46 5.87 -6.05
N GLN A 260 5.31 5.20 -6.81
CA GLN A 260 6.68 5.66 -7.03
C GLN A 260 6.71 6.94 -7.86
N PRO A 261 7.46 7.95 -7.37
CA PRO A 261 7.67 9.20 -8.13
C PRO A 261 8.47 8.94 -9.40
N PHE A 262 8.37 9.86 -10.37
CA PHE A 262 8.95 9.65 -11.69
C PHE A 262 10.48 9.57 -11.69
N TYR A 263 11.13 10.52 -11.03
CA TYR A 263 12.59 10.60 -11.08
C TYR A 263 13.28 9.83 -9.96
N ALA A 264 12.57 8.91 -9.33
CA ALA A 264 13.15 8.10 -8.27
C ALA A 264 13.43 6.69 -8.78
N THR A 265 14.43 6.03 -8.17
CA THR A 265 14.74 4.66 -8.52
C THR A 265 14.05 3.70 -7.55
N GLU A 266 14.24 2.41 -7.76
CA GLU A 266 13.57 1.39 -6.95
C GLU A 266 14.08 1.39 -5.50
N GLU A 267 15.37 1.62 -5.32
CA GLU A 267 15.98 1.59 -3.99
C GLU A 267 15.51 2.73 -3.10
N ILE A 268 15.29 3.89 -3.70
CA ILE A 268 14.83 5.07 -2.97
C ILE A 268 13.38 4.91 -2.52
N TYR A 269 12.56 4.32 -3.39
CA TYR A 269 11.14 4.16 -3.10
C TYR A 269 10.90 3.25 -1.90
N ILE A 270 11.80 2.29 -1.71
CA ILE A 270 11.68 1.36 -0.59
C ILE A 270 11.93 2.10 0.73
N ILE A 271 12.73 3.16 0.68
CA ILE A 271 12.97 3.99 1.85
C ILE A 271 11.69 4.77 2.21
N MET A 272 11.00 5.28 1.20
CA MET A 272 9.76 6.02 1.40
C MET A 272 8.68 5.17 2.06
N GLN A 273 8.47 3.97 1.55
CA GLN A 273 7.43 3.10 2.10
C GLN A 273 7.83 2.55 3.48
N SER A 274 9.12 2.58 3.76
CA SER A 274 9.61 2.21 5.08
C SER A 274 9.28 3.33 6.07
N CYS A 275 9.36 4.57 5.57
CA CYS A 275 8.98 5.74 6.34
C CYS A 275 7.47 5.85 6.43
N TRP A 276 6.77 5.10 5.59
CA TRP A 276 5.32 5.14 5.53
C TRP A 276 4.69 3.92 6.19
N ALA A 277 5.46 3.22 7.01
CA ALA A 277 4.93 2.09 7.77
C ALA A 277 3.90 2.58 8.78
N PHE A 278 2.76 1.90 8.83
CA PHE A 278 1.66 2.32 9.69
C PHE A 278 2.06 2.28 11.17
N ASP A 279 2.80 1.25 11.54
CA ASP A 279 3.33 1.13 12.89
C ASP A 279 4.53 2.07 13.06
N SER A 280 4.47 2.91 14.08
CA SER A 280 5.51 3.92 14.30
C SER A 280 6.87 3.29 14.60
N ARG A 281 6.84 2.10 15.21
CA ARG A 281 8.06 1.40 15.57
C ARG A 281 8.81 0.92 14.33
N LYS A 282 8.04 0.49 13.34
CA LYS A 282 8.60 -0.09 12.12
C LYS A 282 9.39 0.93 11.28
N ARG A 283 9.04 2.20 11.41
CA ARG A 283 9.74 3.23 10.65
C ARG A 283 11.20 3.32 11.09
N PRO A 284 12.12 3.50 10.13
CA PRO A 284 13.54 3.54 10.43
C PRO A 284 13.97 4.86 11.05
N SER A 285 15.03 4.82 11.86
CA SER A 285 15.57 6.03 12.47
C SER A 285 16.35 6.85 11.45
N PHE A 286 16.37 8.16 11.62
CA PHE A 286 17.15 9.04 10.75
C PHE A 286 18.64 8.67 10.70
N PRO A 287 19.23 8.25 11.85
CA PRO A 287 20.58 7.67 11.80
C PRO A 287 20.78 6.65 10.69
N ASN A 288 19.82 5.75 10.54
CA ASN A 288 19.87 4.73 9.51
C ASN A 288 19.76 5.33 8.12
N LEU A 289 18.93 6.37 8.00
CA LEU A 289 18.74 7.05 6.71
C LEU A 289 20.02 7.70 6.24
N THR A 290 20.79 8.26 7.17
CA THR A 290 22.06 8.89 6.84
C THR A 290 23.00 7.84 6.25
N SER A 291 22.93 6.63 6.80
CA SER A 291 23.74 5.52 6.32
C SER A 291 23.15 4.88 5.07
N PHE A 292 21.83 4.90 4.95
CA PHE A 292 21.15 4.32 3.78
C PHE A 292 21.54 5.02 2.49
N LEU A 293 21.32 6.34 2.46
CA LEU A 293 21.59 7.13 1.26
C LEU A 293 23.09 7.36 1.05
N GLY A 294 23.85 7.33 2.14
CA GLY A 294 25.29 7.53 2.08
C GLY A 294 25.99 6.47 1.25
N CYS A 295 25.57 5.22 1.43
CA CYS A 295 26.16 4.11 0.70
C CYS A 295 26.00 4.28 -0.80
N GLN A 296 25.09 5.17 -1.19
CA GLN A 296 24.83 5.43 -2.61
C GLN A 296 25.65 6.63 -3.03
N LEU A 297 26.94 6.41 -3.25
CA LEU A 297 27.83 7.47 -3.73
C LEU A 297 28.69 6.99 -4.89
N ASP B 1 -10.90 -38.24 -23.01
CA ASP B 1 -11.70 -39.14 -22.18
C ASP B 1 -11.65 -40.54 -22.76
N LEU B 2 -10.60 -41.29 -22.41
CA LEU B 2 -10.38 -42.62 -22.96
C LEU B 2 -10.84 -43.73 -22.00
N LYS B 3 -10.23 -43.80 -20.84
CA LYS B 3 -10.51 -44.87 -19.89
C LYS B 3 -11.33 -44.38 -18.71
N TRP B 4 -11.69 -43.10 -18.74
CA TRP B 4 -12.43 -42.48 -17.64
C TRP B 4 -13.91 -42.72 -17.77
N GLU B 5 -14.31 -43.31 -18.88
CA GLU B 5 -15.73 -43.57 -19.14
C GLU B 5 -16.31 -44.51 -18.09
N PHE B 6 -17.35 -44.05 -17.42
CA PHE B 6 -18.00 -44.83 -16.38
C PHE B 6 -19.47 -45.01 -16.73
N PRO B 7 -20.01 -46.21 -16.49
CA PRO B 7 -21.42 -46.52 -16.76
C PRO B 7 -22.38 -45.57 -16.05
N ARG B 8 -23.43 -45.13 -16.73
CA ARG B 8 -24.44 -44.28 -16.09
C ARG B 8 -25.15 -45.12 -15.06
N GLU B 9 -25.14 -46.43 -15.28
CA GLU B 9 -25.65 -47.38 -14.32
C GLU B 9 -24.63 -47.41 -13.18
N ASN B 10 -24.93 -48.05 -12.07
CA ASN B 10 -23.93 -48.05 -11.01
C ASN B 10 -23.76 -46.68 -10.43
N LEU B 11 -24.67 -45.79 -10.78
CA LEU B 11 -24.63 -44.43 -10.25
C LEU B 11 -25.96 -44.13 -9.56
N GLU B 12 -25.89 -43.75 -8.29
CA GLU B 12 -27.11 -43.50 -7.52
C GLU B 12 -27.13 -42.06 -6.99
N PHE B 13 -27.94 -41.22 -7.64
CA PHE B 13 -27.99 -39.80 -7.30
C PHE B 13 -28.48 -39.54 -5.89
N GLY B 14 -28.18 -38.35 -5.37
CA GLY B 14 -28.64 -37.94 -4.06
C GLY B 14 -29.16 -36.52 -4.07
N LYS B 15 -28.74 -35.73 -3.08
CA LYS B 15 -29.16 -34.34 -2.97
C LYS B 15 -28.27 -33.43 -3.81
N VAL B 16 -28.82 -32.28 -4.20
CA VAL B 16 -28.06 -31.30 -4.97
C VAL B 16 -27.15 -30.50 -4.05
N LEU B 17 -25.89 -30.33 -4.46
CA LEU B 17 -24.90 -29.65 -3.63
C LEU B 17 -24.59 -28.25 -4.15
N GLY B 18 -25.48 -27.71 -4.98
CA GLY B 18 -25.29 -26.38 -5.55
C GLY B 18 -25.62 -26.36 -7.02
N SER B 19 -26.55 -25.48 -7.41
CA SER B 19 -27.00 -25.40 -8.79
C SER B 19 -26.84 -24.00 -9.35
N GLY B 20 -26.37 -23.92 -10.60
CA GLY B 20 -26.25 -22.64 -11.29
C GLY B 20 -27.47 -22.32 -12.10
N ALA B 21 -27.33 -21.39 -13.04
CA ALA B 21 -28.42 -20.99 -13.91
C ALA B 21 -28.70 -22.06 -14.97
N PHE B 22 -27.65 -22.71 -15.44
CA PHE B 22 -27.78 -23.67 -16.54
C PHE B 22 -27.16 -25.03 -16.22
N GLY B 23 -26.57 -25.15 -15.03
CA GLY B 23 -25.95 -26.41 -14.62
C GLY B 23 -26.05 -26.66 -13.13
N LYS B 24 -25.83 -27.91 -12.73
CA LYS B 24 -25.91 -28.28 -11.32
C LYS B 24 -24.84 -29.30 -10.93
N VAL B 25 -24.53 -29.36 -9.65
CA VAL B 25 -23.65 -30.41 -9.11
C VAL B 25 -24.37 -31.16 -8.00
N MET B 26 -24.44 -32.48 -8.13
CA MET B 26 -25.21 -33.30 -7.19
C MET B 26 -24.35 -34.37 -6.52
N ASN B 27 -24.83 -34.86 -5.38
CA ASN B 27 -24.18 -35.97 -4.68
C ASN B 27 -24.66 -37.29 -5.25
N ALA B 28 -23.80 -38.29 -5.27
CA ALA B 28 -24.15 -39.58 -5.85
C ALA B 28 -23.37 -40.73 -5.22
N THR B 29 -23.92 -41.94 -5.35
CA THR B 29 -23.26 -43.14 -4.86
C THR B 29 -22.85 -44.01 -6.04
N ALA B 30 -21.54 -44.07 -6.29
CA ALA B 30 -21.01 -44.77 -7.46
C ALA B 30 -20.47 -46.15 -7.10
N TYR B 31 -20.96 -47.16 -7.80
CA TYR B 31 -20.49 -48.52 -7.52
C TYR B 31 -19.33 -49.01 -8.40
N GLY B 32 -18.24 -49.38 -7.74
CA GLY B 32 -17.07 -49.87 -8.42
C GLY B 32 -16.22 -48.78 -9.02
N ILE B 33 -16.51 -47.53 -8.73
CA ILE B 33 -15.74 -46.45 -9.32
C ILE B 33 -14.27 -46.26 -8.99
N SER B 34 -13.88 -46.41 -7.74
CA SER B 34 -12.47 -46.18 -7.44
C SER B 34 -11.73 -47.37 -6.92
N LYS B 35 -12.26 -47.93 -5.85
CA LYS B 35 -11.70 -49.11 -5.25
C LYS B 35 -12.32 -50.21 -6.09
N THR B 36 -11.79 -51.42 -6.06
CA THR B 36 -12.34 -52.45 -6.92
C THR B 36 -13.82 -52.70 -6.62
N GLY B 37 -14.22 -52.82 -5.36
CA GLY B 37 -15.65 -52.98 -5.16
C GLY B 37 -16.43 -52.05 -4.25
N VAL B 38 -15.77 -51.17 -3.55
CA VAL B 38 -16.52 -50.30 -2.66
C VAL B 38 -17.36 -49.21 -3.30
N SER B 39 -18.54 -48.96 -2.74
CA SER B 39 -19.36 -47.84 -3.18
C SER B 39 -18.94 -46.57 -2.46
N ILE B 40 -18.49 -45.56 -3.20
CA ILE B 40 -18.05 -44.32 -2.57
C ILE B 40 -19.01 -43.17 -2.86
N GLN B 41 -18.84 -42.07 -2.13
CA GLN B 41 -19.63 -40.86 -2.38
C GLN B 41 -18.90 -40.02 -3.42
N VAL B 42 -19.64 -39.51 -4.40
CA VAL B 42 -19.01 -38.71 -5.47
C VAL B 42 -19.81 -37.46 -5.81
N ALA B 43 -19.15 -36.54 -6.50
CA ALA B 43 -19.79 -35.31 -6.96
C ALA B 43 -19.95 -35.35 -8.48
N VAL B 44 -21.19 -35.22 -8.95
CA VAL B 44 -21.47 -35.29 -10.38
C VAL B 44 -21.89 -33.93 -10.96
N LYS B 45 -21.13 -33.45 -11.93
CA LYS B 45 -21.41 -32.17 -12.57
C LYS B 45 -22.18 -32.36 -13.88
N MET B 46 -23.35 -31.72 -14.00
CA MET B 46 -24.21 -31.90 -15.16
C MET B 46 -24.96 -30.63 -15.54
N LEU B 47 -25.73 -30.71 -16.62
CA LEU B 47 -26.51 -29.58 -17.13
C LEU B 47 -28.02 -29.76 -16.98
N LYS B 48 -28.70 -28.69 -16.57
CA LYS B 48 -30.15 -28.68 -16.51
C LYS B 48 -30.72 -28.34 -17.89
N GLU B 49 -32.01 -28.56 -18.09
CA GLU B 49 -32.60 -28.40 -19.41
C GLU B 49 -32.45 -27.07 -20.16
N LYS B 50 -32.33 -25.96 -19.41
CA LYS B 50 -32.22 -24.63 -19.99
C LYS B 50 -30.89 -24.41 -20.69
N ALA B 51 -30.06 -25.43 -20.68
CA ALA B 51 -28.75 -25.39 -21.29
C ALA B 51 -28.62 -25.78 -22.72
N ASP B 52 -28.10 -24.89 -23.52
CA ASP B 52 -27.92 -25.23 -24.94
C ASP B 52 -26.52 -25.79 -25.19
N SER B 53 -26.24 -26.07 -26.47
CA SER B 53 -24.94 -26.55 -26.93
C SER B 53 -23.76 -25.72 -26.41
N SER B 54 -23.94 -24.40 -26.33
CA SER B 54 -22.90 -23.52 -25.82
C SER B 54 -22.49 -23.90 -24.40
N GLU B 55 -23.44 -24.37 -23.60
CA GLU B 55 -23.12 -24.86 -22.26
C GLU B 55 -22.52 -26.27 -22.33
N ARG B 56 -22.93 -27.04 -23.32
CA ARG B 56 -22.40 -28.39 -23.49
C ARG B 56 -20.89 -28.38 -23.74
N GLU B 57 -20.46 -27.50 -24.65
CA GLU B 57 -19.06 -27.41 -25.02
C GLU B 57 -18.20 -26.98 -23.83
N ALA B 58 -18.80 -26.18 -22.94
CA ALA B 58 -18.11 -25.71 -21.75
C ALA B 58 -17.70 -26.88 -20.85
N LEU B 59 -18.60 -27.85 -20.69
CA LEU B 59 -18.31 -29.05 -19.91
C LEU B 59 -17.35 -29.99 -20.63
N MET B 60 -17.45 -30.02 -21.96
CA MET B 60 -16.65 -30.93 -22.75
C MET B 60 -15.17 -30.54 -22.68
N SER B 61 -14.92 -29.24 -22.82
CA SER B 61 -13.57 -28.72 -22.69
C SER B 61 -13.09 -28.87 -21.25
N GLU B 62 -14.03 -28.79 -20.31
CA GLU B 62 -13.72 -28.96 -18.90
C GLU B 62 -13.32 -30.40 -18.60
N LEU B 63 -13.89 -31.33 -19.36
CA LEU B 63 -13.59 -32.74 -19.18
C LEU B 63 -12.26 -33.11 -19.81
N LYS B 64 -11.98 -32.55 -20.99
CA LYS B 64 -10.71 -32.77 -21.66
C LYS B 64 -9.56 -32.20 -20.85
N MET B 65 -9.85 -31.14 -20.11
CA MET B 65 -8.85 -30.48 -19.28
C MET B 65 -8.48 -31.33 -18.06
N MET B 66 -9.49 -31.90 -17.40
CA MET B 66 -9.26 -32.70 -16.20
C MET B 66 -8.41 -33.94 -16.44
N THR B 67 -8.72 -34.65 -17.51
CA THR B 67 -8.06 -35.93 -17.79
C THR B 67 -6.60 -35.74 -18.18
N GLN B 68 -6.28 -34.58 -18.76
CA GLN B 68 -4.94 -34.31 -19.23
C GLN B 68 -4.11 -33.58 -18.19
N LEU B 69 -4.77 -32.85 -17.29
CA LEU B 69 -4.07 -32.10 -16.25
C LEU B 69 -3.42 -33.06 -15.26
N GLY B 70 -3.97 -34.26 -15.17
CA GLY B 70 -3.46 -35.28 -14.27
C GLY B 70 -3.98 -35.08 -12.86
N SER B 71 -3.72 -36.08 -12.01
CA SER B 71 -4.20 -36.04 -10.63
C SER B 71 -3.16 -35.41 -9.72
N HIS B 72 -3.61 -34.43 -8.93
CA HIS B 72 -2.75 -33.78 -7.94
C HIS B 72 -3.47 -33.77 -6.60
N GLU B 73 -2.70 -33.91 -5.52
CA GLU B 73 -3.25 -34.02 -4.18
C GLU B 73 -4.12 -32.83 -3.73
N ASN B 74 -3.79 -31.64 -4.22
CA ASN B 74 -4.48 -30.44 -3.78
C ASN B 74 -5.45 -29.87 -4.82
N ILE B 75 -5.85 -30.72 -5.75
CA ILE B 75 -6.87 -30.35 -6.74
C ILE B 75 -7.93 -31.45 -6.84
N VAL B 76 -9.19 -31.06 -7.01
CA VAL B 76 -10.28 -32.03 -7.09
C VAL B 76 -10.06 -33.02 -8.23
N ASN B 77 -9.88 -34.28 -7.88
CA ASN B 77 -9.55 -35.32 -8.84
C ASN B 77 -10.76 -35.81 -9.61
N LEU B 78 -10.55 -36.12 -10.89
CA LEU B 78 -11.59 -36.72 -11.72
C LEU B 78 -11.59 -38.23 -11.54
N LEU B 79 -12.74 -38.79 -11.21
CA LEU B 79 -12.85 -40.21 -10.97
C LEU B 79 -13.45 -40.95 -12.16
N GLY B 80 -14.21 -40.21 -12.98
CA GLY B 80 -14.84 -40.78 -14.15
C GLY B 80 -15.80 -39.82 -14.82
N ALA B 81 -16.50 -40.31 -15.84
CA ALA B 81 -17.44 -39.48 -16.57
C ALA B 81 -18.46 -40.34 -17.33
N CYS B 82 -19.61 -39.74 -17.65
CA CYS B 82 -20.64 -40.41 -18.42
C CYS B 82 -21.00 -39.58 -19.65
N THR B 83 -20.53 -40.01 -20.81
CA THR B 83 -20.70 -39.26 -22.05
C THR B 83 -21.55 -40.04 -23.05
N LEU B 84 -21.99 -41.23 -22.65
CA LEU B 84 -22.76 -42.09 -23.56
C LEU B 84 -24.19 -42.24 -23.10
N SER B 85 -25.12 -42.19 -24.07
CA SER B 85 -26.55 -42.41 -23.83
C SER B 85 -27.13 -41.45 -22.79
N GLY B 86 -27.11 -40.16 -23.08
CA GLY B 86 -27.72 -39.17 -22.20
C GLY B 86 -26.84 -37.96 -21.94
N PRO B 87 -27.27 -37.11 -21.01
CA PRO B 87 -26.55 -35.89 -20.61
C PRO B 87 -25.16 -36.17 -20.04
N ILE B 88 -24.21 -35.29 -20.33
CA ILE B 88 -22.83 -35.48 -19.90
C ILE B 88 -22.67 -35.37 -18.38
N TYR B 89 -22.07 -36.39 -17.78
CA TYR B 89 -21.80 -36.38 -16.34
C TYR B 89 -20.29 -36.30 -16.07
N LEU B 90 -19.92 -35.53 -15.06
CA LEU B 90 -18.53 -35.44 -14.63
C LEU B 90 -18.40 -35.88 -13.19
N ILE B 91 -17.85 -37.08 -12.97
CA ILE B 91 -17.73 -37.63 -11.63
C ILE B 91 -16.43 -37.20 -10.95
N PHE B 92 -16.56 -36.55 -9.80
CA PHE B 92 -15.39 -36.05 -9.06
C PHE B 92 -15.31 -36.65 -7.67
N GLU B 93 -14.21 -36.36 -6.98
CA GLU B 93 -14.03 -36.79 -5.60
C GLU B 93 -14.87 -35.94 -4.66
N TYR B 94 -15.63 -36.60 -3.79
CA TYR B 94 -16.54 -35.91 -2.90
C TYR B 94 -15.82 -35.22 -1.74
N CYS B 95 -16.18 -33.97 -1.50
CA CYS B 95 -15.65 -33.21 -0.37
C CYS B 95 -16.74 -33.06 0.69
N CYS B 96 -16.43 -33.42 1.93
CA CYS B 96 -17.43 -33.50 2.97
C CYS B 96 -17.86 -32.15 3.54
N TYR B 97 -16.90 -31.24 3.71
CA TYR B 97 -17.19 -29.96 4.36
C TYR B 97 -17.45 -28.85 3.35
N GLY B 98 -17.51 -29.19 2.07
CA GLY B 98 -17.84 -28.23 1.05
C GLY B 98 -16.77 -27.18 0.83
N ASP B 99 -17.18 -26.02 0.30
CA ASP B 99 -16.26 -24.94 -0.02
C ASP B 99 -15.63 -24.33 1.24
N LEU B 100 -14.49 -23.68 1.06
CA LEU B 100 -13.77 -23.07 2.17
C LEU B 100 -14.44 -21.81 2.67
N LEU B 101 -15.12 -21.10 1.77
CA LEU B 101 -15.78 -19.84 2.12
C LEU B 101 -16.84 -20.03 3.20
N ASN B 102 -17.84 -20.85 2.91
CA ASN B 102 -18.91 -21.12 3.86
C ASN B 102 -18.41 -21.87 5.10
N TYR B 103 -17.33 -22.61 4.94
CA TYR B 103 -16.74 -23.35 6.05
C TYR B 103 -16.08 -22.41 7.07
N LEU B 104 -15.49 -21.32 6.58
CA LEU B 104 -14.82 -20.36 7.45
C LEU B 104 -15.82 -19.40 8.07
N ARG B 105 -16.85 -19.03 7.32
CA ARG B 105 -17.89 -18.14 7.84
C ARG B 105 -18.70 -18.85 8.90
N SER B 106 -18.71 -20.19 8.84
CA SER B 106 -19.35 -20.99 9.86
C SER B 106 -18.53 -20.98 11.15
N LYS B 107 -17.22 -20.86 11.01
CA LYS B 107 -16.34 -20.82 12.18
C LYS B 107 -16.31 -19.43 12.81
N ARG B 108 -16.66 -18.41 12.03
CA ARG B 108 -16.70 -17.04 12.52
C ARG B 108 -18.04 -16.75 13.20
N ASN B 131 -14.99 -29.16 17.38
CA ASN B 131 -14.17 -28.39 16.45
C ASN B 131 -12.70 -28.43 16.82
N VAL B 132 -11.84 -28.61 15.82
CA VAL B 132 -10.40 -28.56 16.00
C VAL B 132 -9.76 -27.76 14.86
N LEU B 133 -9.23 -26.58 15.20
CA LEU B 133 -8.70 -25.67 14.19
C LEU B 133 -7.74 -24.65 14.81
N THR B 134 -6.49 -24.69 14.39
CA THR B 134 -5.47 -23.77 14.90
C THR B 134 -4.95 -22.85 13.80
N PHE B 135 -4.07 -21.93 14.17
CA PHE B 135 -3.48 -21.00 13.22
C PHE B 135 -2.62 -21.72 12.18
N GLU B 136 -2.00 -22.82 12.59
CA GLU B 136 -1.21 -23.64 11.69
C GLU B 136 -2.07 -24.24 10.59
N ASP B 137 -3.30 -24.63 10.96
CA ASP B 137 -4.24 -25.21 10.01
C ASP B 137 -4.69 -24.17 8.98
N LEU B 138 -4.80 -22.92 9.41
CA LEU B 138 -5.10 -21.82 8.51
C LEU B 138 -3.94 -21.62 7.53
N LEU B 139 -2.73 -21.69 8.05
CA LEU B 139 -1.53 -21.64 7.23
C LEU B 139 -1.47 -22.86 6.31
N CYS B 140 -1.86 -23.99 6.86
CA CYS B 140 -1.86 -25.25 6.12
C CYS B 140 -2.76 -25.16 4.90
N PHE B 141 -3.90 -24.47 5.06
CA PHE B 141 -4.82 -24.26 3.95
C PHE B 141 -4.17 -23.43 2.84
N ALA B 142 -3.60 -22.30 3.23
CA ALA B 142 -2.96 -21.40 2.28
C ALA B 142 -1.79 -22.06 1.56
N TYR B 143 -1.05 -22.90 2.28
CA TYR B 143 0.10 -23.59 1.72
C TYR B 143 -0.25 -24.55 0.58
N GLN B 144 -1.25 -25.40 0.82
CA GLN B 144 -1.65 -26.39 -0.17
C GLN B 144 -2.33 -25.75 -1.39
N VAL B 145 -3.01 -24.64 -1.17
CA VAL B 145 -3.61 -23.89 -2.26
C VAL B 145 -2.51 -23.38 -3.18
N ALA B 146 -1.46 -22.85 -2.58
CA ALA B 146 -0.29 -22.39 -3.33
C ALA B 146 0.41 -23.59 -3.96
N LYS B 147 0.34 -24.73 -3.28
CA LYS B 147 0.95 -25.96 -3.77
C LYS B 147 0.19 -26.50 -4.98
N GLY B 148 -1.12 -26.36 -4.95
CA GLY B 148 -1.96 -26.81 -6.05
C GLY B 148 -1.85 -25.90 -7.26
N MET B 149 -1.72 -24.61 -7.00
CA MET B 149 -1.59 -23.62 -8.07
C MET B 149 -0.25 -23.76 -8.77
N GLU B 150 0.77 -24.20 -8.03
CA GLU B 150 2.08 -24.48 -8.61
C GLU B 150 1.99 -25.57 -9.66
N PHE B 151 1.16 -26.58 -9.37
CA PHE B 151 0.96 -27.69 -10.30
C PHE B 151 0.26 -27.21 -11.57
N LEU B 152 -0.54 -26.15 -11.42
CA LEU B 152 -1.26 -25.57 -12.56
C LEU B 152 -0.35 -24.69 -13.39
N GLU B 153 0.54 -23.96 -12.71
CA GLU B 153 1.52 -23.13 -13.40
C GLU B 153 2.51 -24.02 -14.14
N PHE B 154 2.82 -25.16 -13.54
CA PHE B 154 3.71 -26.15 -14.15
C PHE B 154 3.07 -26.71 -15.42
N LYS B 155 1.75 -26.82 -15.41
CA LYS B 155 1.01 -27.29 -16.58
C LYS B 155 0.61 -26.13 -17.47
N SER B 156 1.07 -24.93 -17.12
CA SER B 156 0.75 -23.71 -17.86
C SER B 156 -0.76 -23.47 -17.97
N CYS B 157 -1.44 -23.52 -16.83
CA CYS B 157 -2.89 -23.34 -16.79
C CYS B 157 -3.27 -22.12 -15.95
N VAL B 158 -4.24 -21.35 -16.44
CA VAL B 158 -4.65 -20.13 -15.76
C VAL B 158 -6.07 -20.22 -15.20
N HIS B 159 -6.21 -20.10 -13.89
CA HIS B 159 -7.52 -20.10 -13.25
C HIS B 159 -8.13 -18.70 -13.29
N ARG B 160 -9.23 -18.55 -14.01
CA ARG B 160 -9.84 -17.24 -14.21
C ARG B 160 -10.57 -16.73 -12.98
N ASP B 161 -10.92 -17.62 -12.05
CA ASP B 161 -11.70 -17.24 -10.88
C ASP B 161 -11.21 -17.90 -9.60
N LEU B 162 -10.01 -17.54 -9.17
CA LEU B 162 -9.43 -18.06 -7.94
C LEU B 162 -9.94 -17.33 -6.71
N ALA B 163 -10.64 -18.05 -5.83
CA ALA B 163 -11.19 -17.46 -4.62
C ALA B 163 -11.45 -18.53 -3.56
N ALA B 164 -12.02 -18.11 -2.44
CA ALA B 164 -12.31 -19.02 -1.33
C ALA B 164 -13.55 -19.86 -1.61
N ARG B 165 -14.38 -19.36 -2.53
CA ARG B 165 -15.60 -20.06 -2.91
C ARG B 165 -15.32 -21.15 -3.94
N ASN B 166 -14.10 -21.18 -4.45
CA ASN B 166 -13.72 -22.16 -5.45
C ASN B 166 -12.67 -23.15 -4.94
N VAL B 167 -12.68 -23.37 -3.63
CA VAL B 167 -11.84 -24.39 -3.03
C VAL B 167 -12.59 -25.24 -2.01
N LEU B 168 -12.48 -26.57 -2.13
CA LEU B 168 -13.22 -27.47 -1.26
C LEU B 168 -12.43 -28.13 -0.15
N VAL B 169 -13.10 -28.36 0.98
CA VAL B 169 -12.45 -28.99 2.13
C VAL B 169 -13.15 -30.31 2.45
N THR B 170 -12.37 -31.37 2.66
CA THR B 170 -12.96 -32.67 2.99
C THR B 170 -12.58 -33.09 4.42
N HIS B 171 -12.84 -34.35 4.74
CA HIS B 171 -12.69 -34.85 6.11
C HIS B 171 -11.28 -34.76 6.67
N GLY B 172 -10.28 -34.81 5.82
CA GLY B 172 -8.89 -34.79 6.27
C GLY B 172 -8.25 -33.43 6.31
N LYS B 173 -9.07 -32.39 6.46
CA LYS B 173 -8.60 -31.00 6.55
C LYS B 173 -7.77 -30.54 5.35
N VAL B 174 -7.81 -31.32 4.28
CA VAL B 174 -7.08 -31.00 3.06
C VAL B 174 -8.04 -30.28 2.11
N VAL B 175 -7.53 -29.33 1.34
CA VAL B 175 -8.39 -28.57 0.44
C VAL B 175 -8.06 -28.84 -1.03
N LYS B 176 -9.08 -28.69 -1.87
CA LYS B 176 -8.95 -28.96 -3.30
C LYS B 176 -9.37 -27.75 -4.12
N ILE B 177 -8.57 -27.42 -5.15
CA ILE B 177 -8.89 -26.30 -6.01
C ILE B 177 -9.89 -26.72 -7.09
N CYS B 178 -10.94 -25.93 -7.26
CA CYS B 178 -11.99 -26.26 -8.23
C CYS B 178 -12.54 -25.01 -8.91
N ASP B 179 -13.56 -25.20 -9.75
CA ASP B 179 -14.20 -24.09 -10.44
C ASP B 179 -15.70 -24.33 -10.64
N PHE B 180 -16.50 -23.59 -9.89
CA PHE B 180 -17.96 -23.61 -10.05
C PHE B 180 -18.34 -22.71 -11.22
N GLY B 181 -18.03 -23.13 -12.44
CA GLY B 181 -18.36 -22.33 -13.61
C GLY B 181 -19.79 -22.53 -14.08
N LEU B 182 -20.20 -23.78 -14.19
CA LEU B 182 -21.57 -24.10 -14.58
C LEU B 182 -22.35 -24.55 -13.35
N ALA B 183 -21.69 -24.55 -12.20
CA ALA B 183 -22.29 -25.04 -10.97
C ALA B 183 -22.85 -23.92 -10.10
N ARG B 184 -22.42 -22.69 -10.34
CA ARG B 184 -22.87 -21.57 -9.53
C ARG B 184 -23.66 -20.54 -10.34
N ASP B 185 -24.77 -20.07 -9.75
CA ASP B 185 -25.57 -19.02 -10.35
C ASP B 185 -24.94 -17.66 -10.09
N ILE B 186 -24.08 -17.23 -11.01
CA ILE B 186 -23.31 -16.00 -10.85
C ILE B 186 -24.18 -14.74 -10.80
N MET B 187 -25.42 -14.86 -11.28
CA MET B 187 -26.34 -13.73 -11.28
C MET B 187 -26.81 -13.39 -9.87
N SER B 188 -26.92 -14.41 -9.03
CA SER B 188 -27.43 -14.23 -7.68
C SER B 188 -26.34 -13.78 -6.71
N ASP B 189 -25.15 -14.34 -6.87
CA ASP B 189 -24.03 -14.03 -5.98
C ASP B 189 -23.58 -12.58 -6.15
N SER B 190 -23.44 -11.87 -5.03
CA SER B 190 -23.05 -10.47 -5.05
C SER B 190 -21.60 -10.29 -5.48
N ASN B 191 -20.80 -11.35 -5.32
CA ASN B 191 -19.38 -11.29 -5.68
C ASN B 191 -19.18 -11.04 -7.18
N TYR B 192 -20.12 -11.53 -7.98
CA TYR B 192 -20.05 -11.33 -9.42
C TYR B 192 -20.89 -10.13 -9.83
N VAL B 193 -20.22 -9.02 -10.14
CA VAL B 193 -20.92 -7.83 -10.61
C VAL B 193 -20.74 -7.75 -12.12
N VAL B 194 -21.68 -7.11 -12.81
CA VAL B 194 -21.60 -7.04 -14.27
C VAL B 194 -20.66 -5.93 -14.72
N ARG B 195 -20.17 -6.05 -15.94
CA ARG B 195 -19.28 -5.06 -16.52
C ARG B 195 -19.81 -4.66 -17.89
N GLY B 196 -19.71 -5.60 -18.81
CA GLY B 196 -20.22 -5.47 -20.16
C GLY B 196 -21.51 -6.23 -20.29
N ASN B 197 -21.45 -7.33 -21.03
CA ASN B 197 -22.60 -8.22 -21.21
C ASN B 197 -22.37 -9.57 -20.54
N ALA B 198 -21.39 -9.62 -19.63
CA ALA B 198 -21.08 -10.84 -18.90
C ALA B 198 -20.57 -10.49 -17.50
N ARG B 199 -20.92 -11.33 -16.53
CA ARG B 199 -20.55 -11.10 -15.13
C ARG B 199 -19.15 -11.63 -14.80
N LEU B 200 -18.44 -10.92 -13.93
CA LEU B 200 -17.11 -11.32 -13.51
C LEU B 200 -16.79 -10.81 -12.10
N PRO B 201 -15.99 -11.56 -11.34
CA PRO B 201 -15.60 -11.21 -9.96
C PRO B 201 -14.55 -10.11 -9.87
N VAL B 202 -14.99 -8.88 -9.67
CA VAL B 202 -14.08 -7.72 -9.70
C VAL B 202 -13.05 -7.69 -8.57
N LYS B 203 -13.46 -8.03 -7.35
CA LYS B 203 -12.62 -7.84 -6.17
C LYS B 203 -11.55 -8.90 -5.98
N TRP B 204 -11.46 -9.84 -6.89
CA TRP B 204 -10.44 -10.89 -6.81
C TRP B 204 -9.42 -10.78 -7.94
N MET B 205 -9.62 -9.81 -8.83
CA MET B 205 -8.81 -9.67 -10.04
C MET B 205 -7.64 -8.69 -9.90
N ALA B 206 -6.60 -8.91 -10.68
CA ALA B 206 -5.45 -8.01 -10.75
C ALA B 206 -5.79 -6.78 -11.60
N PRO B 207 -5.15 -5.64 -11.33
CA PRO B 207 -5.42 -4.37 -12.03
C PRO B 207 -5.39 -4.50 -13.55
N GLU B 208 -4.44 -5.26 -14.08
CA GLU B 208 -4.34 -5.45 -15.52
C GLU B 208 -5.53 -6.22 -16.07
N SER B 209 -6.19 -7.00 -15.21
CA SER B 209 -7.37 -7.75 -15.61
C SER B 209 -8.65 -6.90 -15.62
N LEU B 210 -8.73 -5.90 -14.74
CA LEU B 210 -9.92 -5.05 -14.67
C LEU B 210 -10.08 -4.12 -15.88
N PHE B 211 -8.99 -3.49 -16.31
CA PHE B 211 -9.07 -2.49 -17.39
C PHE B 211 -8.28 -2.84 -18.64
N GLU B 212 -7.29 -3.70 -18.52
CA GLU B 212 -6.49 -4.07 -19.67
C GLU B 212 -6.87 -5.47 -20.12
N GLY B 213 -7.60 -6.17 -19.26
CA GLY B 213 -8.11 -7.50 -19.56
C GLY B 213 -7.03 -8.53 -19.78
N ILE B 214 -5.91 -8.38 -19.07
CA ILE B 214 -4.79 -9.30 -19.20
C ILE B 214 -4.83 -10.38 -18.12
N TYR B 215 -4.90 -11.64 -18.54
CA TYR B 215 -4.92 -12.76 -17.61
C TYR B 215 -3.66 -13.62 -17.75
N THR B 216 -2.76 -13.49 -16.79
CA THR B 216 -1.57 -14.32 -16.76
C THR B 216 -1.55 -15.16 -15.49
N ILE B 217 -0.53 -16.00 -15.33
CA ILE B 217 -0.41 -16.81 -14.13
C ILE B 217 -0.04 -15.93 -12.93
N LYS B 218 0.63 -14.81 -13.21
CA LYS B 218 1.01 -13.88 -12.16
C LYS B 218 -0.18 -12.99 -11.76
N SER B 219 -1.25 -13.07 -12.55
CA SER B 219 -2.49 -12.39 -12.22
C SER B 219 -3.25 -13.16 -11.16
N ASP B 220 -3.07 -14.48 -11.16
CA ASP B 220 -3.68 -15.34 -10.14
C ASP B 220 -2.95 -15.20 -8.82
N VAL B 221 -1.71 -14.72 -8.88
CA VAL B 221 -0.93 -14.41 -7.68
C VAL B 221 -1.67 -13.33 -6.90
N TRP B 222 -2.19 -12.34 -7.62
CA TRP B 222 -3.05 -11.33 -7.05
C TRP B 222 -4.28 -11.98 -6.44
N SER B 223 -4.91 -12.87 -7.20
CA SER B 223 -6.09 -13.58 -6.75
C SER B 223 -5.79 -14.43 -5.53
N TYR B 224 -4.56 -14.96 -5.48
CA TYR B 224 -4.11 -15.74 -4.33
C TYR B 224 -3.99 -14.82 -3.11
N GLY B 225 -3.52 -13.61 -3.34
CA GLY B 225 -3.38 -12.62 -2.29
C GLY B 225 -4.73 -12.24 -1.71
N ILE B 226 -5.72 -12.08 -2.58
CA ILE B 226 -7.08 -11.79 -2.16
C ILE B 226 -7.65 -13.02 -1.44
N LEU B 227 -7.34 -14.20 -1.93
CA LEU B 227 -7.81 -15.39 -1.26
C LEU B 227 -7.17 -15.40 0.09
N LEU B 228 -5.87 -15.13 0.14
CA LEU B 228 -5.14 -15.15 1.41
C LEU B 228 -5.86 -14.32 2.45
N TRP B 229 -6.51 -13.25 2.01
CA TRP B 229 -7.24 -12.38 2.91
C TRP B 229 -8.44 -13.12 3.48
N GLU B 230 -9.22 -13.74 2.59
CA GLU B 230 -10.44 -14.45 3.00
C GLU B 230 -10.15 -15.64 3.92
N ILE B 231 -8.91 -16.11 3.91
CA ILE B 231 -8.49 -17.17 4.82
C ILE B 231 -8.29 -16.63 6.23
N PHE B 232 -7.54 -15.54 6.34
CA PHE B 232 -7.18 -14.99 7.64
C PHE B 232 -8.13 -13.87 8.10
N SER B 233 -9.20 -13.64 7.34
CA SER B 233 -10.23 -12.71 7.75
C SER B 233 -11.53 -13.47 7.98
N LEU B 234 -11.42 -14.79 7.90
CA LEU B 234 -12.55 -15.70 8.15
C LEU B 234 -13.77 -15.51 7.26
N GLY B 235 -13.56 -15.43 5.95
CA GLY B 235 -14.67 -15.29 5.06
C GLY B 235 -15.41 -13.98 4.91
N VAL B 236 -14.76 -12.87 5.20
CA VAL B 236 -15.37 -11.58 4.99
C VAL B 236 -15.25 -11.22 3.51
N ASN B 237 -16.29 -10.60 2.96
CA ASN B 237 -16.26 -10.14 1.58
C ASN B 237 -15.12 -9.14 1.42
N PRO B 238 -14.28 -9.33 0.40
CA PRO B 238 -13.10 -8.48 0.23
C PRO B 238 -13.43 -7.01 0.02
N TYR B 239 -12.52 -6.15 0.46
CA TYR B 239 -12.73 -4.70 0.47
C TYR B 239 -14.02 -4.32 1.22
N PRO B 240 -14.17 -4.80 2.47
CA PRO B 240 -15.39 -4.55 3.25
C PRO B 240 -15.72 -3.07 3.39
N GLY B 241 -17.00 -2.73 3.37
CA GLY B 241 -17.43 -1.35 3.48
C GLY B 241 -17.31 -0.59 2.18
N ILE B 242 -16.35 -0.97 1.35
CA ILE B 242 -16.18 -0.35 0.05
C ILE B 242 -16.81 -1.18 -1.04
N PRO B 243 -17.81 -0.62 -1.74
CA PRO B 243 -18.53 -1.28 -2.82
C PRO B 243 -17.81 -1.15 -4.15
N VAL B 244 -18.31 -1.81 -5.19
CA VAL B 244 -17.72 -1.66 -6.51
C VAL B 244 -18.39 -0.48 -7.23
N ASP B 245 -17.62 0.59 -7.41
CA ASP B 245 -18.11 1.79 -8.07
C ASP B 245 -16.97 2.51 -8.75
N ALA B 246 -17.23 3.73 -9.23
CA ALA B 246 -16.22 4.51 -9.92
C ALA B 246 -14.99 4.76 -9.05
N ASN B 247 -15.23 4.94 -7.75
CA ASN B 247 -14.14 5.16 -6.80
C ASN B 247 -13.29 3.91 -6.60
N PHE B 248 -13.96 2.76 -6.54
CA PHE B 248 -13.28 1.48 -6.29
C PHE B 248 -12.20 1.23 -7.33
N TYR B 249 -12.56 1.42 -8.59
CA TYR B 249 -11.63 1.21 -9.69
C TYR B 249 -10.46 2.18 -9.67
N LYS B 250 -10.71 3.41 -9.23
CA LYS B 250 -9.67 4.42 -9.17
C LYS B 250 -8.66 4.12 -8.05
N LEU B 251 -9.16 3.51 -6.98
CA LEU B 251 -8.30 3.14 -5.85
C LEU B 251 -7.28 2.08 -6.27
N ILE B 252 -7.76 1.07 -7.01
CA ILE B 252 -6.90 -0.01 -7.48
C ILE B 252 -5.81 0.55 -8.40
N GLN B 253 -6.18 1.53 -9.21
CA GLN B 253 -5.24 2.20 -10.10
C GLN B 253 -4.20 2.99 -9.32
N ASN B 254 -4.56 3.45 -8.13
CA ASN B 254 -3.67 4.24 -7.31
C ASN B 254 -2.75 3.36 -6.45
N GLY B 255 -2.81 2.06 -6.67
CA GLY B 255 -1.97 1.12 -5.95
C GLY B 255 -2.48 0.83 -4.55
N PHE B 256 -3.73 1.15 -4.29
CA PHE B 256 -4.33 0.88 -2.98
C PHE B 256 -4.46 -0.62 -2.74
N LYS B 257 -4.11 -1.03 -1.53
CA LYS B 257 -4.23 -2.42 -1.11
C LYS B 257 -4.93 -2.51 0.23
N MET B 258 -5.33 -3.71 0.63
CA MET B 258 -6.09 -3.89 1.86
C MET B 258 -5.20 -3.94 3.09
N ASP B 259 -5.75 -3.54 4.23
CA ASP B 259 -5.02 -3.58 5.49
C ASP B 259 -4.89 -5.03 5.97
N GLN B 260 -4.09 -5.22 7.01
CA GLN B 260 -3.82 -6.55 7.55
C GLN B 260 -5.06 -7.18 8.18
N PRO B 261 -5.34 -8.44 7.83
CA PRO B 261 -6.45 -9.20 8.44
C PRO B 261 -6.23 -9.40 9.93
N PHE B 262 -7.32 -9.67 10.66
CA PHE B 262 -7.25 -9.78 12.11
C PHE B 262 -6.41 -10.98 12.56
N TYR B 263 -6.66 -12.13 11.95
CA TYR B 263 -6.02 -13.37 12.38
C TYR B 263 -4.72 -13.64 11.61
N ALA B 264 -4.16 -12.60 11.00
CA ALA B 264 -2.93 -12.74 10.24
C ALA B 264 -1.73 -12.15 10.99
N THR B 265 -0.55 -12.70 10.71
CA THR B 265 0.69 -12.21 11.29
C THR B 265 1.41 -11.24 10.35
N GLU B 266 2.54 -10.71 10.79
CA GLU B 266 3.30 -9.74 10.00
C GLU B 266 3.90 -10.37 8.76
N GLU B 267 4.34 -11.62 8.89
CA GLU B 267 4.96 -12.34 7.79
C GLU B 267 3.94 -12.65 6.70
N ILE B 268 2.70 -12.92 7.11
CA ILE B 268 1.65 -13.23 6.16
C ILE B 268 1.19 -12.00 5.37
N TYR B 269 1.04 -10.87 6.06
CA TYR B 269 0.54 -9.66 5.40
C TYR B 269 1.50 -9.09 4.36
N ILE B 270 2.80 -9.20 4.61
CA ILE B 270 3.79 -8.70 3.66
C ILE B 270 3.79 -9.55 2.40
N ILE B 271 3.39 -10.81 2.55
CA ILE B 271 3.23 -11.71 1.41
C ILE B 271 2.03 -11.29 0.58
N MET B 272 0.96 -10.88 1.26
CA MET B 272 -0.26 -10.43 0.59
C MET B 272 0.00 -9.22 -0.30
N GLN B 273 0.69 -8.23 0.25
CA GLN B 273 0.99 -7.00 -0.49
C GLN B 273 2.06 -7.26 -1.54
N SER B 274 2.81 -8.36 -1.38
CA SER B 274 3.77 -8.78 -2.38
C SER B 274 3.03 -9.34 -3.58
N CYS B 275 1.93 -10.04 -3.30
CA CYS B 275 1.05 -10.55 -4.35
C CYS B 275 0.21 -9.42 -4.93
N TRP B 276 0.19 -8.29 -4.24
CA TRP B 276 -0.61 -7.15 -4.65
C TRP B 276 0.22 -6.03 -5.27
N ALA B 277 1.44 -6.37 -5.68
CA ALA B 277 2.30 -5.43 -6.39
C ALA B 277 1.67 -5.06 -7.72
N PHE B 278 1.63 -3.77 -8.03
CA PHE B 278 0.96 -3.27 -9.23
C PHE B 278 1.60 -3.83 -10.51
N ASP B 279 2.92 -3.88 -10.52
CA ASP B 279 3.63 -4.47 -11.65
C ASP B 279 3.56 -5.98 -11.59
N SER B 280 3.10 -6.60 -12.67
CA SER B 280 2.91 -8.04 -12.72
C SER B 280 4.23 -8.77 -12.53
N ARG B 281 5.32 -8.11 -12.94
CA ARG B 281 6.66 -8.68 -12.83
C ARG B 281 7.09 -8.80 -11.38
N LYS B 282 6.73 -7.81 -10.57
CA LYS B 282 7.13 -7.76 -9.17
C LYS B 282 6.52 -8.87 -8.31
N ARG B 283 5.35 -9.36 -8.72
CA ARG B 283 4.67 -10.40 -7.94
C ARG B 283 5.48 -11.69 -7.92
N PRO B 284 5.51 -12.36 -6.77
CA PRO B 284 6.29 -13.60 -6.62
C PRO B 284 5.61 -14.79 -7.30
N SER B 285 6.42 -15.76 -7.72
CA SER B 285 5.89 -16.96 -8.36
C SER B 285 5.24 -17.87 -7.34
N PHE B 286 4.27 -18.65 -7.79
CA PHE B 286 3.59 -19.61 -6.93
C PHE B 286 4.68 -20.40 -6.23
N PRO B 287 5.52 -21.06 -7.01
CA PRO B 287 6.62 -21.83 -6.41
C PRO B 287 7.23 -21.16 -5.18
N ASN B 288 7.46 -19.86 -5.24
CA ASN B 288 8.03 -19.11 -4.13
C ASN B 288 7.12 -19.12 -2.92
N LEU B 289 5.82 -19.06 -3.16
CA LEU B 289 4.83 -19.07 -2.09
C LEU B 289 4.87 -20.40 -1.33
N THR B 290 5.11 -21.48 -2.04
CA THR B 290 5.20 -22.81 -1.42
C THR B 290 6.38 -22.88 -0.46
N SER B 291 7.48 -22.22 -0.81
CA SER B 291 8.67 -22.23 0.02
C SER B 291 8.57 -21.24 1.18
N PHE B 292 7.88 -20.13 0.95
CA PHE B 292 7.69 -19.11 1.97
C PHE B 292 6.88 -19.63 3.17
N LEU B 293 5.71 -20.18 2.87
CA LEU B 293 4.81 -20.69 3.91
C LEU B 293 5.34 -21.99 4.53
N GLY B 294 6.16 -22.72 3.80
CA GLY B 294 6.71 -23.96 4.30
C GLY B 294 7.65 -23.73 5.47
N CYS B 295 8.31 -22.57 5.47
CA CYS B 295 9.26 -22.22 6.52
C CYS B 295 8.56 -22.00 7.86
N GLN B 296 7.32 -21.54 7.81
CA GLN B 296 6.54 -21.30 9.01
C GLN B 296 5.86 -22.57 9.51
#